data_9F95
#
_entry.id   9F95
#
_cell.length_a   56.257
_cell.length_b   56.257
_cell.length_c   156.409
_cell.angle_alpha   90.00
_cell.angle_beta   90.00
_cell.angle_gamma   120.00
#
_symmetry.space_group_name_H-M   'P 32 2 1'
#
loop_
_entity.id
_entity.type
_entity.pdbx_description
1 polymer 'Trans-2,3-dihydro-3-hydroxyanthranilate isomerase'
2 non-polymer '2-azanyl-5-(3-hydroxyphenyl)-3-oxidanyl-benzoic acid'
3 water water
#
_entity_poly.entity_id   1
_entity_poly.type   'polypeptide(L)'
_entity_poly.pdbx_seq_one_letter_code
;MGSSHHHHHHSSGLVPRGSHMHNYVIIDAFASVPLEGNPVAVFFDADDLPPAQMQRIAREMNLSESTFVLKPRNGGDALI
RIFTPVNELPFAGHPLLGTAIALGAHTDNHRLYLETQMGTIAFELERQNGSVIAASMDQPIPTWTALGRDAELLKALGIS
DSTFPIEIYHNGPRHVFVGLPSIDALSALHPDHRALSNFHDMAINCFAGAGRRWRSRMFSPAYGVVEDAATGSAAGPLAI
HLARHGQIEFGQPVEILQGVEIGRPSLMFAKAEGRAEQLTRVEVSGNGVTFGRGTIVL
;
_entity_poly.pdbx_strand_id   A
#
loop_
_chem_comp.id
_chem_comp.type
_chem_comp.name
_chem_comp.formula
A1IAU non-polymer '2-azanyl-5-(3-hydroxyphenyl)-3-oxidanyl-benzoic acid' 'C13 H11 N O4'
#
# COMPACT_ATOMS: atom_id res chain seq x y z
N HIS A 20 -24.67 -17.40 -0.40
CA HIS A 20 -24.62 -18.75 -1.04
C HIS A 20 -23.41 -18.87 -1.98
N MET A 21 -23.19 -17.90 -2.87
CA MET A 21 -21.99 -17.84 -3.68
C MET A 21 -21.53 -16.39 -3.74
N HIS A 22 -20.24 -16.18 -3.94
CA HIS A 22 -19.71 -14.82 -4.10
C HIS A 22 -18.75 -14.76 -5.26
N ASN A 23 -18.84 -13.70 -6.04
CA ASN A 23 -17.86 -13.41 -7.07
C ASN A 23 -16.70 -12.63 -6.49
N TYR A 24 -15.53 -12.87 -7.04
CA TYR A 24 -14.34 -12.14 -6.64
C TYR A 24 -13.48 -11.88 -7.88
N VAL A 25 -12.57 -10.93 -7.72
CA VAL A 25 -11.53 -10.67 -8.71
C VAL A 25 -10.21 -10.58 -7.96
N ILE A 26 -9.13 -10.88 -8.68
CA ILE A 26 -7.77 -10.69 -8.21
C ILE A 26 -7.20 -9.52 -8.99
N ILE A 27 -6.87 -8.44 -8.29
CA ILE A 27 -6.29 -7.24 -8.89
C ILE A 27 -4.82 -7.18 -8.51
N ASP A 28 -3.96 -6.97 -9.51
CA ASP A 28 -2.56 -6.62 -9.26
C ASP A 28 -2.50 -5.11 -9.18
N ALA A 29 -2.30 -4.61 -7.96
CA ALA A 29 -2.29 -3.18 -7.70
C ALA A 29 -0.88 -2.63 -7.93
N PHE A 30 -0.84 -1.39 -8.42
CA PHE A 30 0.39 -0.71 -8.79
C PHE A 30 1.10 -1.39 -9.96
N ALA A 31 0.30 -1.92 -10.88
CA ALA A 31 0.82 -2.49 -12.11
C ALA A 31 -0.21 -2.35 -13.22
N SER A 32 0.27 -2.30 -14.45
CA SER A 32 -0.60 -2.38 -15.61
C SER A 32 -0.51 -3.71 -16.33
N VAL A 33 0.40 -4.59 -15.90
CA VAL A 33 0.65 -5.88 -16.54
C VAL A 33 0.42 -6.96 -15.48
N PRO A 34 -0.35 -8.01 -15.79
CA PRO A 34 -0.56 -9.08 -14.80
C PRO A 34 0.76 -9.73 -14.39
N LEU A 35 0.81 -10.16 -13.14
CA LEU A 35 1.98 -10.78 -12.50
C LEU A 35 3.02 -9.74 -12.06
N GLU A 36 2.76 -8.46 -12.25
CA GLU A 36 3.54 -7.38 -11.66
C GLU A 36 2.69 -6.76 -10.55
N GLY A 37 3.26 -5.78 -9.83
CA GLY A 37 2.47 -5.21 -8.75
C GLY A 37 2.20 -6.19 -7.60
N ASN A 38 1.16 -5.89 -6.82
CA ASN A 38 0.90 -6.55 -5.55
C ASN A 38 -0.54 -7.05 -5.55
N PRO A 39 -0.79 -8.36 -5.49
CA PRO A 39 -2.18 -8.85 -5.61
C PRO A 39 -3.06 -8.54 -4.40
N VAL A 40 -4.35 -8.38 -4.67
CA VAL A 40 -5.40 -8.35 -3.65
C VAL A 40 -6.64 -9.03 -4.20
N ALA A 41 -7.31 -9.83 -3.38
CA ALA A 41 -8.57 -10.44 -3.77
C ALA A 41 -9.72 -9.56 -3.27
N VAL A 42 -10.68 -9.29 -4.14
CA VAL A 42 -11.81 -8.42 -3.84
C VAL A 42 -13.09 -9.22 -4.00
N PHE A 43 -13.86 -9.34 -2.91
CA PHE A 43 -15.11 -10.09 -2.88
C PHE A 43 -16.30 -9.15 -2.90
N PHE A 44 -17.20 -9.36 -3.84
CA PHE A 44 -18.35 -8.49 -4.02
C PHE A 44 -19.59 -8.99 -3.29
N ASP A 45 -20.50 -8.06 -3.01
CA ASP A 45 -21.81 -8.37 -2.44
C ASP A 45 -21.67 -9.25 -1.19
N ALA A 46 -20.85 -8.77 -0.24
CA ALA A 46 -20.41 -9.55 0.91
C ALA A 46 -21.27 -9.34 2.14
N ASP A 47 -22.41 -8.68 2.03
CA ASP A 47 -23.20 -8.32 3.20
C ASP A 47 -23.71 -9.52 3.96
N ASP A 48 -23.81 -10.67 3.32
CA ASP A 48 -24.32 -11.88 3.97
C ASP A 48 -23.24 -12.64 4.73
N LEU A 49 -21.98 -12.19 4.66
CA LEU A 49 -20.89 -12.89 5.32
C LEU A 49 -20.61 -12.25 6.67
N PRO A 50 -20.76 -12.96 7.78
CA PRO A 50 -20.28 -12.42 9.05
C PRO A 50 -18.77 -12.24 9.01
N PRO A 51 -18.22 -11.33 9.80
CA PRO A 51 -16.76 -11.14 9.75
C PRO A 51 -15.94 -12.37 10.08
N ALA A 52 -16.43 -13.27 10.93
CA ALA A 52 -15.67 -14.50 11.17
C ALA A 52 -15.48 -15.29 9.87
N GLN A 53 -16.50 -15.25 9.00
CA GLN A 53 -16.40 -15.96 7.74
C GLN A 53 -15.51 -15.22 6.75
N MET A 54 -15.58 -13.89 6.73
CA MET A 54 -14.63 -13.12 5.94
C MET A 54 -13.20 -13.47 6.32
N GLN A 55 -12.92 -13.58 7.62
CA GLN A 55 -11.56 -13.92 8.06
C GLN A 55 -11.15 -15.29 7.56
N ARG A 56 -12.06 -16.27 7.61
CA ARG A 56 -11.73 -17.62 7.14
C ARG A 56 -11.49 -17.63 5.64
N ILE A 57 -12.28 -16.86 4.89
CA ILE A 57 -12.07 -16.74 3.45
C ILE A 57 -10.71 -16.11 3.17
N ALA A 58 -10.36 -15.04 3.89
CA ALA A 58 -9.06 -14.41 3.69
C ALA A 58 -7.93 -15.40 3.99
N ARG A 59 -8.12 -16.24 5.00
CA ARG A 59 -7.13 -17.26 5.30
CA ARG A 59 -7.13 -17.27 5.31
C ARG A 59 -7.05 -18.28 4.16
N GLU A 60 -8.19 -18.71 3.65
CA GLU A 60 -8.21 -19.66 2.53
C GLU A 60 -7.45 -19.12 1.33
N MET A 61 -7.70 -17.85 0.98
CA MET A 61 -7.05 -17.28 -0.19
C MET A 61 -5.55 -17.09 0.01
N ASN A 62 -5.14 -16.76 1.23
CA ASN A 62 -3.74 -16.60 1.62
C ASN A 62 -3.02 -15.47 0.89
N LEU A 63 -3.75 -14.57 0.22
CA LEU A 63 -3.12 -13.36 -0.29
C LEU A 63 -2.87 -12.39 0.85
N SER A 64 -1.95 -11.46 0.63
CA SER A 64 -1.62 -10.52 1.70
C SER A 64 -2.87 -9.87 2.26
N GLU A 65 -3.84 -9.57 1.39
CA GLU A 65 -5.14 -9.12 1.85
C GLU A 65 -6.23 -9.60 0.91
N SER A 66 -7.38 -9.89 1.50
CA SER A 66 -8.65 -10.00 0.80
C SER A 66 -9.55 -8.90 1.33
N THR A 67 -10.29 -8.26 0.45
CA THR A 67 -11.22 -7.22 0.86
C THR A 67 -12.64 -7.65 0.50
N PHE A 68 -13.59 -7.06 1.21
CA PHE A 68 -15.00 -7.40 1.12
C PHE A 68 -15.81 -6.13 0.94
N VAL A 69 -16.68 -6.12 -0.06
CA VAL A 69 -17.44 -4.94 -0.44
C VAL A 69 -18.83 -5.02 0.17
N LEU A 70 -19.19 -4.03 0.97
CA LEU A 70 -20.41 -4.03 1.76
C LEU A 70 -21.19 -2.75 1.50
N LYS A 71 -22.47 -2.78 1.85
CA LYS A 71 -23.30 -1.59 1.76
C LYS A 71 -22.75 -0.49 2.66
N PRO A 72 -22.82 0.76 2.23
CA PRO A 72 -22.28 1.86 3.05
C PRO A 72 -23.17 2.13 4.24
N ARG A 73 -22.56 2.68 5.28
CA ARG A 73 -23.27 3.03 6.50
C ARG A 73 -23.23 4.52 6.81
N ASN A 74 -22.41 5.31 6.11
CA ASN A 74 -22.20 6.71 6.43
C ASN A 74 -22.10 7.57 5.18
N GLY A 75 -22.86 7.24 4.16
CA GLY A 75 -23.01 8.10 3.02
C GLY A 75 -22.02 7.89 1.90
N GLY A 76 -21.12 6.93 2.03
CA GLY A 76 -20.19 6.62 0.97
C GLY A 76 -20.82 5.74 -0.09
N ASP A 77 -19.99 5.29 -1.02
CA ASP A 77 -20.46 4.39 -2.06
C ASP A 77 -20.47 2.95 -1.62
N ALA A 78 -19.55 2.59 -0.73
CA ALA A 78 -19.43 1.23 -0.23
C ALA A 78 -18.59 1.28 1.03
N LEU A 79 -18.76 0.25 1.85
CA LEU A 79 -17.92 0.00 3.01
C LEU A 79 -17.02 -1.17 2.65
N ILE A 80 -15.72 -1.01 2.87
CA ILE A 80 -14.73 -2.03 2.56
C ILE A 80 -14.13 -2.54 3.87
N ARG A 81 -14.16 -3.86 4.06
CA ARG A 81 -13.46 -4.51 5.17
C ARG A 81 -12.26 -5.27 4.61
N ILE A 82 -11.13 -5.16 5.32
CA ILE A 82 -9.81 -5.53 4.83
C ILE A 82 -9.26 -6.59 5.77
N PHE A 83 -8.92 -7.77 5.24
CA PHE A 83 -8.38 -8.83 6.08
C PHE A 83 -7.08 -9.38 5.54
N THR A 84 -6.09 -9.53 6.40
CA THR A 84 -4.95 -10.38 6.09
C THR A 84 -5.39 -11.81 6.37
N PRO A 85 -4.53 -12.80 6.12
CA PRO A 85 -4.91 -14.17 6.46
C PRO A 85 -5.15 -14.39 7.93
N VAL A 86 -4.76 -13.45 8.80
CA VAL A 86 -4.84 -13.66 10.24
C VAL A 86 -5.70 -12.64 10.98
N ASN A 87 -5.81 -11.41 10.47
CA ASN A 87 -6.55 -10.39 11.20
C ASN A 87 -7.12 -9.34 10.27
N GLU A 88 -8.08 -8.58 10.82
CA GLU A 88 -8.66 -7.45 10.11
C GLU A 88 -7.79 -6.22 10.29
N LEU A 89 -7.70 -5.41 9.23
CA LEU A 89 -6.94 -4.18 9.26
C LEU A 89 -7.87 -2.98 9.13
N PRO A 90 -7.56 -1.86 9.80
CA PRO A 90 -8.41 -0.66 9.64
C PRO A 90 -8.11 0.15 8.39
N PHE A 91 -6.95 -0.05 7.79
CA PHE A 91 -6.50 0.69 6.61
C PHE A 91 -5.41 -0.16 5.95
N ALA A 92 -5.31 -0.05 4.64
CA ALA A 92 -4.19 -0.65 3.93
C ALA A 92 -4.11 -0.03 2.55
N GLY A 93 -2.89 0.18 2.08
CA GLY A 93 -2.65 0.92 0.87
C GLY A 93 -3.00 0.20 -0.42
N HIS A 94 -2.18 -0.76 -0.82
CA HIS A 94 -2.45 -1.45 -2.07
C HIS A 94 -3.79 -2.19 -2.06
N PRO A 95 -4.25 -2.74 -0.94
CA PRO A 95 -5.57 -3.41 -0.98
C PRO A 95 -6.70 -2.46 -1.31
N LEU A 96 -6.63 -1.23 -0.81
CA LEU A 96 -7.71 -0.28 -1.09
C LEU A 96 -7.62 0.24 -2.51
N LEU A 97 -6.42 0.50 -3.02
CA LEU A 97 -6.28 0.86 -4.43
C LEU A 97 -6.88 -0.22 -5.32
N GLY A 98 -6.54 -1.48 -5.05
CA GLY A 98 -7.06 -2.56 -5.88
C GLY A 98 -8.56 -2.72 -5.77
N THR A 99 -9.10 -2.52 -4.57
CA THR A 99 -10.54 -2.56 -4.39
C THR A 99 -11.24 -1.48 -5.21
N ALA A 100 -10.71 -0.25 -5.17
CA ALA A 100 -11.31 0.84 -5.93
C ALA A 100 -11.30 0.52 -7.42
N ILE A 101 -10.19 -0.03 -7.91
CA ILE A 101 -10.09 -0.34 -9.34
C ILE A 101 -11.06 -1.47 -9.71
N ALA A 102 -11.17 -2.47 -8.83
CA ALA A 102 -12.12 -3.55 -9.05
C ALA A 102 -13.56 -3.06 -9.07
N LEU A 103 -13.94 -2.21 -8.10
CA LEU A 103 -15.30 -1.73 -8.02
CA LEU A 103 -15.31 -1.73 -8.02
C LEU A 103 -15.65 -0.81 -9.18
N GLY A 104 -14.65 -0.19 -9.80
CA GLY A 104 -14.91 0.63 -10.96
C GLY A 104 -15.55 -0.13 -12.10
N ALA A 105 -15.39 -1.45 -12.12
CA ALA A 105 -16.06 -2.23 -13.15
C ALA A 105 -17.58 -2.24 -12.98
N HIS A 106 -18.08 -1.86 -11.81
CA HIS A 106 -19.49 -1.94 -11.47
C HIS A 106 -20.14 -0.58 -11.29
N THR A 107 -19.40 0.51 -11.49
CA THR A 107 -19.96 1.85 -11.37
C THR A 107 -19.50 2.70 -12.53
N ASP A 108 -20.21 3.82 -12.74
CA ASP A 108 -19.85 4.79 -13.75
C ASP A 108 -19.20 6.04 -13.16
N ASN A 109 -19.25 6.21 -11.83
CA ASN A 109 -18.82 7.45 -11.22
C ASN A 109 -17.30 7.65 -11.38
N HIS A 110 -16.90 8.90 -11.56
CA HIS A 110 -15.49 9.26 -11.66
C HIS A 110 -14.81 9.27 -10.30
N ARG A 111 -15.54 9.62 -9.24
CA ARG A 111 -15.02 9.59 -7.89
C ARG A 111 -15.72 8.47 -7.14
N LEU A 112 -14.98 7.83 -6.25
CA LEU A 112 -15.51 6.74 -5.46
C LEU A 112 -15.15 7.00 -4.00
N TYR A 113 -16.13 6.86 -3.12
CA TYR A 113 -15.95 7.12 -1.70
C TYR A 113 -16.12 5.82 -0.95
N LEU A 114 -15.00 5.30 -0.44
CA LEU A 114 -14.96 4.00 0.21
C LEU A 114 -14.82 4.19 1.72
N GLU A 115 -15.84 3.74 2.44
CA GLU A 115 -15.79 3.77 3.90
C GLU A 115 -14.87 2.67 4.41
N THR A 116 -14.14 2.99 5.48
CA THR A 116 -13.26 2.05 6.14
C THR A 116 -13.38 2.29 7.65
N GLN A 117 -12.69 1.46 8.43
CA GLN A 117 -12.70 1.68 9.86
C GLN A 117 -12.20 3.06 10.22
N MET A 118 -11.33 3.64 9.40
CA MET A 118 -10.67 4.90 9.73
C MET A 118 -11.36 6.09 9.09
N GLY A 119 -12.49 5.86 8.46
CA GLY A 119 -13.24 6.92 7.80
C GLY A 119 -13.32 6.68 6.31
N THR A 120 -13.84 7.66 5.62
CA THR A 120 -14.11 7.53 4.21
C THR A 120 -12.93 8.05 3.40
N ILE A 121 -12.42 7.19 2.53
CA ILE A 121 -11.29 7.46 1.67
C ILE A 121 -11.84 7.80 0.29
N ALA A 122 -11.43 8.95 -0.24
CA ALA A 122 -11.84 9.39 -1.56
C ALA A 122 -10.88 8.88 -2.62
N PHE A 123 -11.45 8.31 -3.69
CA PHE A 123 -10.68 7.88 -4.85
C PHE A 123 -11.14 8.61 -6.10
N GLU A 124 -10.18 8.88 -6.99
CA GLU A 124 -10.46 9.29 -8.36
C GLU A 124 -10.12 8.13 -9.27
N LEU A 125 -11.08 7.72 -10.10
CA LEU A 125 -10.90 6.58 -10.99
C LEU A 125 -10.59 7.08 -12.40
N GLU A 126 -9.64 6.43 -13.06
CA GLU A 126 -9.25 6.76 -14.42
C GLU A 126 -9.62 5.61 -15.34
N ARG A 127 -10.41 5.90 -16.38
CA ARG A 127 -10.94 4.89 -17.28
C ARG A 127 -10.48 5.09 -18.71
N GLN A 128 -10.47 4.00 -19.46
CA GLN A 128 -10.41 4.04 -20.91
C GLN A 128 -11.48 3.08 -21.42
N ASN A 129 -12.46 3.62 -22.15
CA ASN A 129 -13.56 2.83 -22.70
C ASN A 129 -14.25 1.98 -21.63
N GLY A 130 -14.47 2.59 -20.48
CA GLY A 130 -15.23 1.96 -19.41
C GLY A 130 -14.41 1.13 -18.45
N SER A 131 -13.19 0.77 -18.82
CA SER A 131 -12.31 -0.01 -17.97
C SER A 131 -11.49 0.91 -17.08
N VAL A 132 -11.54 0.68 -15.76
CA VAL A 132 -10.71 1.44 -14.83
C VAL A 132 -9.29 0.89 -14.91
N ILE A 133 -8.35 1.73 -15.34
CA ILE A 133 -6.95 1.36 -15.46
C ILE A 133 -6.07 1.90 -14.33
N ALA A 134 -6.54 2.89 -13.59
CA ALA A 134 -5.72 3.48 -12.52
C ALA A 134 -6.65 4.20 -11.56
N ALA A 135 -6.11 4.51 -10.38
CA ALA A 135 -6.84 5.30 -9.41
C ALA A 135 -5.87 6.07 -8.52
N SER A 136 -6.40 7.14 -7.94
N SER A 136 -6.39 7.14 -7.92
CA SER A 136 -5.68 7.99 -6.99
CA SER A 136 -5.68 7.89 -6.90
C SER A 136 -6.48 8.07 -5.71
C SER A 136 -6.46 7.79 -5.60
N MET A 137 -5.82 7.89 -4.56
N MET A 137 -5.76 7.96 -4.49
CA MET A 137 -6.48 7.88 -3.26
CA MET A 137 -6.38 7.93 -3.17
C MET A 137 -5.88 8.96 -2.37
C MET A 137 -5.84 9.08 -2.33
N ASP A 138 -6.73 9.61 -1.58
N ASP A 138 -6.66 9.55 -1.40
CA ASP A 138 -6.27 10.46 -0.49
CA ASP A 138 -6.27 10.57 -0.42
C ASP A 138 -5.99 9.56 0.71
C ASP A 138 -6.05 9.86 0.91
N GLN A 139 -4.80 9.68 1.27
CA GLN A 139 -4.41 8.84 2.39
C GLN A 139 -4.57 9.54 3.73
N PRO A 140 -4.66 8.76 4.81
CA PRO A 140 -4.52 9.35 6.15
C PRO A 140 -3.22 10.14 6.25
N ILE A 141 -3.26 11.24 6.99
CA ILE A 141 -2.07 12.07 7.19
C ILE A 141 -1.17 11.42 8.23
N PRO A 142 0.07 11.07 7.89
CA PRO A 142 0.93 10.39 8.88
C PRO A 142 1.44 11.32 9.97
N THR A 143 1.90 10.68 11.04
CA THR A 143 2.76 11.26 12.07
C THR A 143 4.10 10.54 12.01
N TRP A 144 5.10 11.09 12.68
CA TRP A 144 6.44 10.51 12.57
C TRP A 144 7.29 10.91 13.76
N THR A 145 8.37 10.14 13.95
CA THR A 145 9.38 10.41 14.97
C THR A 145 10.64 9.63 14.58
N ALA A 146 11.73 9.90 15.28
CA ALA A 146 12.95 9.12 15.09
C ALA A 146 12.73 7.69 15.58
N LEU A 147 13.29 6.73 14.83
CA LEU A 147 13.23 5.34 15.26
C LEU A 147 13.98 5.12 16.57
N GLY A 148 15.19 5.68 16.67
CA GLY A 148 15.97 5.54 17.87
C GLY A 148 16.60 4.19 18.07
N ARG A 149 16.70 3.39 17.01
CA ARG A 149 17.32 2.07 17.02
C ARG A 149 18.25 1.92 15.82
N ASP A 150 19.01 2.97 15.51
CA ASP A 150 19.69 3.02 14.23
C ASP A 150 20.74 1.92 14.10
N ALA A 151 21.63 1.80 15.10
CA ALA A 151 22.71 0.83 14.98
C ALA A 151 22.16 -0.57 14.79
N GLU A 152 21.11 -0.92 15.54
CA GLU A 152 20.50 -2.24 15.43
C GLU A 152 19.91 -2.47 14.05
N LEU A 153 19.17 -1.50 13.54
CA LEU A 153 18.54 -1.67 12.23
C LEU A 153 19.58 -1.73 11.13
N LEU A 154 20.59 -0.85 11.18
CA LEU A 154 21.62 -0.82 10.14
C LEU A 154 22.38 -2.14 10.12
N LYS A 155 22.71 -2.68 11.29
CA LYS A 155 23.37 -3.98 11.35
C LYS A 155 22.51 -5.07 10.71
N ALA A 156 21.20 -5.06 10.98
CA ALA A 156 20.30 -6.03 10.38
C ALA A 156 20.27 -5.91 8.86
N LEU A 157 20.32 -4.69 8.35
CA LEU A 157 20.32 -4.46 6.90
C LEU A 157 21.67 -4.72 6.27
N GLY A 158 22.73 -4.77 7.09
CA GLY A 158 24.07 -5.00 6.58
C GLY A 158 24.82 -3.79 6.09
N ILE A 159 24.45 -2.58 6.55
CA ILE A 159 25.13 -1.36 6.12
C ILE A 159 25.53 -0.58 7.36
N SER A 160 26.35 0.45 7.15
CA SER A 160 26.91 1.20 8.28
C SER A 160 26.12 2.44 8.64
N ASP A 161 25.42 3.05 7.70
CA ASP A 161 24.76 4.33 7.94
C ASP A 161 23.64 4.51 6.91
N SER A 162 22.70 5.38 7.26
CA SER A 162 21.67 5.85 6.34
C SER A 162 22.15 7.17 5.74
N THR A 163 21.60 7.53 4.59
CA THR A 163 21.77 8.88 4.06
C THR A 163 20.98 9.87 4.91
N PHE A 164 19.68 9.77 4.90
CA PHE A 164 18.75 10.65 5.59
C PHE A 164 18.34 10.08 6.94
N PRO A 165 17.78 10.91 7.81
CA PRO A 165 17.45 10.45 9.16
C PRO A 165 16.52 9.24 9.12
N ILE A 166 16.76 8.30 10.04
CA ILE A 166 15.97 7.08 10.13
C ILE A 166 14.76 7.39 10.99
N GLU A 167 13.62 7.60 10.33
CA GLU A 167 12.38 7.99 10.96
C GLU A 167 11.29 6.98 10.64
N ILE A 168 10.37 6.85 11.60
CA ILE A 168 9.28 5.90 11.55
C ILE A 168 7.97 6.69 11.50
N TYR A 169 7.16 6.42 10.48
CA TYR A 169 5.91 7.09 10.19
C TYR A 169 4.75 6.17 10.52
N HIS A 170 3.65 6.76 10.98
CA HIS A 170 2.45 6.04 11.35
C HIS A 170 1.26 6.60 10.60
N ASN A 171 0.58 5.76 9.84
CA ASN A 171 -0.66 6.14 9.16
C ASN A 171 -1.65 4.99 9.23
N GLY A 172 -1.56 4.19 10.29
CA GLY A 172 -2.20 2.89 10.39
C GLY A 172 -1.09 1.90 10.67
N PRO A 173 -0.49 1.38 9.60
CA PRO A 173 0.81 0.70 9.75
C PRO A 173 1.88 1.72 10.14
N ARG A 174 3.04 1.18 10.48
CA ARG A 174 4.24 1.97 10.73
C ARG A 174 5.29 1.59 9.71
N HIS A 175 5.94 2.63 9.17
CA HIS A 175 6.92 2.51 8.10
C HIS A 175 8.17 3.29 8.45
N VAL A 176 9.30 2.58 8.50
CA VAL A 176 10.61 3.16 8.75
C VAL A 176 11.28 3.37 7.41
N PHE A 177 12.02 4.47 7.26
CA PHE A 177 12.74 4.75 6.03
C PHE A 177 14.23 4.85 6.26
N VAL A 178 14.98 4.07 5.47
CA VAL A 178 16.43 4.05 5.50
C VAL A 178 16.91 4.37 4.09
N GLY A 179 17.76 5.37 3.97
CA GLY A 179 18.21 5.84 2.66
C GLY A 179 19.56 5.25 2.29
N LEU A 180 19.69 4.88 1.03
CA LEU A 180 20.89 4.34 0.42
C LEU A 180 21.47 5.32 -0.58
N PRO A 181 22.78 5.31 -0.77
CA PRO A 181 23.44 6.33 -1.59
C PRO A 181 23.28 6.15 -3.08
N SER A 182 22.80 5.00 -3.54
CA SER A 182 22.63 4.76 -4.96
C SER A 182 21.66 3.61 -5.14
N ILE A 183 21.07 3.53 -6.34
CA ILE A 183 20.17 2.44 -6.64
C ILE A 183 20.91 1.11 -6.57
N ASP A 184 22.17 1.08 -7.01
CA ASP A 184 22.92 -0.17 -6.96
C ASP A 184 23.15 -0.62 -5.52
N ALA A 185 23.38 0.33 -4.61
CA ALA A 185 23.54 -0.03 -3.21
C ALA A 185 22.25 -0.57 -2.63
N LEU A 186 21.11 -0.04 -3.08
CA LEU A 186 19.82 -0.57 -2.65
C LEU A 186 19.62 -1.99 -3.14
N SER A 187 19.94 -2.26 -4.40
CA SER A 187 19.77 -3.60 -4.94
C SER A 187 20.70 -4.60 -4.27
N ALA A 188 21.84 -4.14 -3.77
CA ALA A 188 22.82 -5.02 -3.15
C ALA A 188 22.46 -5.44 -1.74
N LEU A 189 21.45 -4.81 -1.13
CA LEU A 189 21.10 -5.18 0.23
C LEU A 189 20.68 -6.65 0.31
N HIS A 190 21.18 -7.33 1.33
CA HIS A 190 20.76 -8.71 1.66
C HIS A 190 20.52 -8.72 3.16
N PRO A 191 19.35 -8.30 3.61
CA PRO A 191 19.13 -8.14 5.05
C PRO A 191 19.11 -9.49 5.77
N ASP A 192 19.44 -9.41 7.05
CA ASP A 192 19.27 -10.52 7.98
C ASP A 192 17.83 -10.48 8.47
N HIS A 193 16.98 -11.32 7.89
CA HIS A 193 15.56 -11.27 8.21
C HIS A 193 15.27 -11.73 9.63
N ARG A 194 16.09 -12.61 10.21
CA ARG A 194 15.93 -12.96 11.62
C ARG A 194 16.14 -11.72 12.50
N ALA A 195 17.19 -10.94 12.20
CA ALA A 195 17.43 -9.71 12.95
C ALA A 195 16.31 -8.70 12.73
N LEU A 196 15.80 -8.60 11.50
CA LEU A 196 14.69 -7.69 11.26
C LEU A 196 13.45 -8.08 12.04
N SER A 197 13.31 -9.35 12.44
CA SER A 197 12.11 -9.76 13.13
C SER A 197 12.01 -9.18 14.53
N ASN A 198 13.09 -8.58 15.05
CA ASN A 198 13.03 -7.88 16.33
C ASN A 198 12.39 -6.50 16.22
N PHE A 199 12.00 -6.10 15.01
CA PHE A 199 11.33 -4.82 14.76
C PHE A 199 9.85 -5.12 14.61
N HIS A 200 9.12 -4.95 15.70
CA HIS A 200 7.72 -5.33 15.73
C HIS A 200 6.81 -4.22 15.23
N ASP A 201 5.67 -4.64 14.70
CA ASP A 201 4.61 -3.74 14.24
CA ASP A 201 4.61 -3.73 14.26
C ASP A 201 5.16 -2.61 13.37
N MET A 202 5.95 -2.99 12.37
CA MET A 202 6.45 -2.00 11.43
C MET A 202 7.00 -2.70 10.20
N ALA A 203 7.21 -1.91 9.16
CA ALA A 203 7.88 -2.31 7.94
C ALA A 203 9.10 -1.44 7.73
N ILE A 204 10.14 -2.03 7.15
CA ILE A 204 11.40 -1.36 6.90
C ILE A 204 11.47 -1.06 5.41
N ASN A 205 11.46 0.22 5.04
CA ASN A 205 11.50 0.65 3.65
C ASN A 205 12.85 1.29 3.37
N CYS A 206 13.61 0.71 2.45
CA CYS A 206 14.91 1.22 2.03
C CYS A 206 14.74 1.88 0.67
N PHE A 207 15.35 3.05 0.48
CA PHE A 207 15.09 3.82 -0.74
C PHE A 207 16.37 4.47 -1.26
N ALA A 208 16.34 4.81 -2.55
CA ALA A 208 17.45 5.50 -3.20
C ALA A 208 16.89 6.17 -4.45
N GLY A 209 17.59 7.18 -4.95
CA GLY A 209 17.14 7.85 -6.15
C GLY A 209 17.49 9.32 -6.14
N ALA A 210 16.73 10.08 -6.92
CA ALA A 210 16.98 11.51 -7.06
C ALA A 210 15.84 12.17 -7.81
N GLY A 211 15.60 13.43 -7.50
CA GLY A 211 14.63 14.18 -8.27
C GLY A 211 13.25 13.59 -8.16
N ARG A 212 12.65 13.32 -9.32
CA ARG A 212 11.31 12.76 -9.36
C ARG A 212 11.29 11.25 -9.18
N ARG A 213 12.41 10.57 -9.40
CA ARG A 213 12.43 9.11 -9.55
C ARG A 213 13.17 8.43 -8.40
N TRP A 214 12.44 7.57 -7.69
CA TRP A 214 12.97 6.87 -6.52
C TRP A 214 12.70 5.38 -6.65
N ARG A 215 13.57 4.61 -6.03
CA ARG A 215 13.44 3.16 -5.93
C ARG A 215 13.29 2.80 -4.47
N SER A 216 12.52 1.76 -4.20
CA SER A 216 12.30 1.30 -2.83
C SER A 216 12.33 -0.22 -2.76
N ARG A 217 12.68 -0.73 -1.58
CA ARG A 217 12.49 -2.13 -1.22
C ARG A 217 11.93 -2.13 0.18
N MET A 218 10.95 -3.00 0.46
CA MET A 218 10.32 -3.08 1.76
C MET A 218 10.44 -4.49 2.31
N PHE A 219 10.80 -4.60 3.58
CA PHE A 219 10.94 -5.87 4.28
C PHE A 219 10.13 -5.76 5.57
N SER A 220 9.32 -6.76 5.89
CA SER A 220 8.55 -6.72 7.14
C SER A 220 8.18 -8.09 7.66
N PRO A 221 9.03 -8.67 8.51
CA PRO A 221 8.59 -9.85 9.28
C PRO A 221 7.31 -9.59 10.04
N ALA A 222 7.14 -8.38 10.59
CA ALA A 222 5.96 -8.11 11.41
C ALA A 222 4.68 -8.22 10.59
N TYR A 223 4.71 -7.77 9.33
CA TYR A 223 3.54 -7.82 8.48
C TYR A 223 3.54 -9.05 7.57
N GLY A 224 4.42 -9.99 7.84
CA GLY A 224 4.35 -11.30 7.23
C GLY A 224 4.87 -11.37 5.82
N VAL A 225 5.80 -10.49 5.46
CA VAL A 225 6.31 -10.46 4.09
C VAL A 225 7.82 -10.29 4.13
N VAL A 226 8.53 -11.23 3.50
CA VAL A 226 9.98 -11.14 3.44
C VAL A 226 10.39 -9.87 2.70
N GLU A 227 9.83 -9.68 1.51
CA GLU A 227 10.03 -8.47 0.74
C GLU A 227 8.75 -8.19 -0.03
N ASP A 228 8.20 -7.00 0.15
CA ASP A 228 6.92 -6.63 -0.44
C ASP A 228 7.11 -6.02 -1.82
N ALA A 229 6.14 -6.26 -2.70
CA ALA A 229 6.24 -5.76 -4.08
C ALA A 229 5.90 -4.28 -4.19
N ALA A 230 4.84 -3.82 -3.52
CA ALA A 230 4.36 -2.46 -3.69
C ALA A 230 3.67 -2.06 -2.38
N THR A 231 4.36 -1.26 -1.58
CA THR A 231 3.88 -0.91 -0.25
C THR A 231 3.16 0.45 -0.35
N GLY A 232 1.90 0.39 -0.79
CA GLY A 232 1.16 1.62 -1.03
C GLY A 232 1.02 2.51 0.18
N SER A 233 0.89 1.93 1.38
CA SER A 233 0.77 2.77 2.56
C SER A 233 2.10 3.45 2.94
N ALA A 234 3.21 3.02 2.36
CA ALA A 234 4.50 3.68 2.59
C ALA A 234 4.78 4.79 1.59
N ALA A 235 4.07 4.85 0.47
CA ALA A 235 4.37 5.82 -0.57
C ALA A 235 4.10 7.25 -0.12
N GLY A 236 2.99 7.48 0.58
CA GLY A 236 2.68 8.81 1.08
C GLY A 236 3.74 9.28 2.06
N PRO A 237 4.01 8.46 3.08
CA PRO A 237 5.11 8.77 4.01
C PRO A 237 6.45 9.04 3.33
N LEU A 238 6.79 8.30 2.28
CA LEU A 238 8.08 8.54 1.64
C LEU A 238 8.11 9.93 0.99
N ALA A 239 7.02 10.32 0.34
CA ALA A 239 6.94 11.66 -0.21
C ALA A 239 7.15 12.72 0.87
N ILE A 240 6.54 12.54 2.05
CA ILE A 240 6.74 13.48 3.15
C ILE A 240 8.19 13.49 3.59
N HIS A 241 8.78 12.29 3.71
CA HIS A 241 10.18 12.16 4.14
C HIS A 241 11.12 12.88 3.19
N LEU A 242 10.92 12.69 1.89
CA LEU A 242 11.78 13.31 0.89
C LEU A 242 11.63 14.83 0.88
N ALA A 243 10.41 15.31 1.12
CA ALA A 243 10.18 16.75 1.14
C ALA A 243 10.76 17.37 2.41
N ARG A 244 10.52 16.75 3.56
CA ARG A 244 11.11 17.26 4.79
C ARG A 244 12.62 17.36 4.67
N HIS A 245 13.26 16.36 4.07
CA HIS A 245 14.70 16.31 3.99
C HIS A 245 15.25 16.90 2.70
N GLY A 246 14.45 17.72 2.01
CA GLY A 246 14.97 18.62 1.01
C GLY A 246 15.27 18.02 -0.34
N GLN A 247 14.81 16.80 -0.61
CA GLN A 247 15.09 16.16 -1.88
C GLN A 247 14.01 16.43 -2.92
N ILE A 248 12.82 16.80 -2.47
CA ILE A 248 11.73 17.31 -3.31
C ILE A 248 11.08 18.43 -2.50
N GLU A 249 10.17 19.14 -3.13
CA GLU A 249 9.34 20.08 -2.40
C GLU A 249 7.99 19.46 -2.04
N PHE A 250 7.38 19.99 -0.98
CA PHE A 250 5.97 19.71 -0.78
C PHE A 250 5.20 20.17 -2.01
N GLY A 251 4.25 19.35 -2.44
CA GLY A 251 3.49 19.61 -3.63
C GLY A 251 4.06 19.02 -4.90
N GLN A 252 5.25 18.43 -4.84
CA GLN A 252 5.85 17.84 -6.03
C GLN A 252 5.62 16.35 -6.02
N PRO A 253 5.12 15.76 -7.10
CA PRO A 253 4.91 14.31 -7.11
C PRO A 253 6.20 13.56 -7.35
N VAL A 254 6.26 12.35 -6.81
CA VAL A 254 7.37 11.44 -7.04
C VAL A 254 6.84 10.14 -7.62
N GLU A 255 7.70 9.47 -8.36
CA GLU A 255 7.49 8.13 -8.88
C GLU A 255 8.39 7.22 -8.08
N ILE A 256 7.80 6.17 -7.50
CA ILE A 256 8.50 5.22 -6.64
C ILE A 256 8.36 3.84 -7.29
N LEU A 257 9.48 3.25 -7.67
CA LEU A 257 9.52 1.93 -8.29
C LEU A 257 10.02 0.94 -7.24
N GLN A 258 9.20 -0.05 -6.91
CA GLN A 258 9.44 -1.02 -5.87
C GLN A 258 9.37 -2.41 -6.48
N GLY A 259 10.02 -3.38 -5.84
CA GLY A 259 9.82 -4.77 -6.17
C GLY A 259 10.63 -5.29 -7.34
N VAL A 260 11.57 -4.49 -7.85
CA VAL A 260 12.35 -4.88 -9.03
C VAL A 260 13.17 -6.13 -8.73
N GLU A 261 13.85 -6.12 -7.59
CA GLU A 261 14.77 -7.21 -7.25
C GLU A 261 14.04 -8.54 -7.11
N ILE A 262 12.75 -8.52 -6.74
CA ILE A 262 11.99 -9.75 -6.55
C ILE A 262 11.09 -10.08 -7.75
N GLY A 263 11.27 -9.39 -8.87
CA GLY A 263 10.49 -9.71 -10.05
C GLY A 263 9.03 -9.30 -10.02
N ARG A 264 8.67 -8.33 -9.18
CA ARG A 264 7.29 -7.82 -9.10
C ARG A 264 7.36 -6.30 -9.20
N PRO A 265 7.89 -5.76 -10.30
CA PRO A 265 8.01 -4.29 -10.39
C PRO A 265 6.65 -3.63 -10.22
N SER A 266 6.65 -2.53 -9.48
CA SER A 266 5.43 -1.84 -9.10
C SER A 266 5.75 -0.35 -9.10
N LEU A 267 4.89 0.44 -9.71
CA LEU A 267 5.07 1.89 -9.78
C LEU A 267 4.01 2.56 -8.91
N MET A 268 4.46 3.35 -7.94
CA MET A 268 3.59 4.11 -7.07
C MET A 268 3.90 5.59 -7.28
N PHE A 269 2.86 6.40 -7.37
CA PHE A 269 3.03 7.85 -7.46
C PHE A 269 2.51 8.48 -6.17
N ALA A 270 3.24 9.47 -5.66
CA ALA A 270 2.87 10.04 -4.37
C ALA A 270 3.15 11.54 -4.36
N LYS A 271 2.37 12.26 -3.58
CA LYS A 271 2.54 13.71 -3.43
C LYS A 271 1.99 14.08 -2.07
N ALA A 272 2.70 14.98 -1.37
CA ALA A 272 2.27 15.46 -0.08
C ALA A 272 2.17 16.97 -0.16
N GLU A 273 0.97 17.50 0.05
CA GLU A 273 0.72 18.93 -0.08
C GLU A 273 0.71 19.62 1.27
N GLY A 274 1.22 20.85 1.28
CA GLY A 274 1.26 21.70 2.45
C GLY A 274 2.67 21.94 2.94
N ARG A 275 2.89 21.74 4.23
CA ARG A 275 4.22 21.79 4.84
C ARG A 275 4.19 20.77 5.97
N ALA A 276 5.37 20.48 6.52
CA ALA A 276 5.47 19.37 7.47
C ALA A 276 4.50 19.54 8.62
N GLU A 277 4.35 20.78 9.09
CA GLU A 277 3.56 21.12 10.26
C GLU A 277 2.09 21.27 9.93
N GLN A 278 1.73 21.36 8.65
CA GLN A 278 0.33 21.50 8.27
C GLN A 278 0.18 20.84 6.91
N LEU A 279 0.13 19.50 6.92
CA LEU A 279 -0.09 18.76 5.70
C LEU A 279 -1.58 18.78 5.37
N THR A 280 -1.89 19.11 4.14
CA THR A 280 -3.29 19.24 3.75
C THR A 280 -3.80 18.06 2.94
N ARG A 281 -2.92 17.30 2.30
CA ARG A 281 -3.35 16.17 1.50
C ARG A 281 -2.13 15.30 1.24
N VAL A 282 -2.35 14.00 1.25
CA VAL A 282 -1.34 13.02 0.89
C VAL A 282 -1.99 12.10 -0.14
N GLU A 283 -1.55 12.18 -1.38
CA GLU A 283 -2.17 11.47 -2.49
C GLU A 283 -1.23 10.36 -2.94
N VAL A 284 -1.79 9.16 -3.17
CA VAL A 284 -1.05 8.04 -3.74
C VAL A 284 -1.88 7.47 -4.88
N SER A 285 -1.24 7.22 -6.02
CA SER A 285 -1.95 6.73 -7.20
C SER A 285 -1.13 5.61 -7.85
N GLY A 286 -1.83 4.84 -8.68
CA GLY A 286 -1.19 3.75 -9.40
C GLY A 286 -2.14 3.10 -10.38
N ASN A 287 -1.54 2.32 -11.27
CA ASN A 287 -2.30 1.49 -12.18
C ASN A 287 -2.77 0.24 -11.44
N GLY A 288 -3.79 -0.41 -12.00
CA GLY A 288 -4.13 -1.76 -11.57
C GLY A 288 -4.68 -2.55 -12.73
N VAL A 289 -4.57 -3.88 -12.62
CA VAL A 289 -4.96 -4.78 -13.70
C VAL A 289 -5.55 -6.04 -13.10
N THR A 290 -6.53 -6.62 -13.78
CA THR A 290 -7.17 -7.87 -13.34
C THR A 290 -6.30 -9.06 -13.72
N PHE A 291 -5.92 -9.85 -12.73
CA PHE A 291 -5.22 -11.10 -12.97
C PHE A 291 -6.20 -12.26 -13.18
N GLY A 292 -7.29 -12.29 -12.42
CA GLY A 292 -8.26 -13.36 -12.55
C GLY A 292 -9.59 -12.99 -11.95
N ARG A 293 -10.59 -13.83 -12.23
CA ARG A 293 -11.95 -13.62 -11.79
C ARG A 293 -12.52 -14.99 -11.46
N GLY A 294 -13.33 -15.07 -10.41
CA GLY A 294 -13.92 -16.35 -10.08
C GLY A 294 -15.11 -16.23 -9.16
N THR A 295 -15.54 -17.39 -8.67
CA THR A 295 -16.68 -17.51 -7.77
CA THR A 295 -16.68 -17.51 -7.79
C THR A 295 -16.35 -18.55 -6.73
N ILE A 296 -16.68 -18.23 -5.47
CA ILE A 296 -16.51 -19.17 -4.38
C ILE A 296 -17.87 -19.74 -4.00
N VAL A 297 -17.87 -20.89 -3.32
CA VAL A 297 -19.08 -21.65 -3.08
C VAL A 297 -19.81 -21.29 -1.79
N LEU A 298 -19.37 -20.23 -1.13
CA LEU A 298 -20.11 -19.77 0.05
C LEU A 298 -20.16 -18.26 0.06
C1 A1IAU B . -0.46 -4.38 5.20
C10 A1IAU B . -2.34 -1.58 9.02
C11 A1IAU B . -1.07 -2.43 6.46
C12 A1IAU B . -0.81 -3.01 5.21
C13 A1IAU B . -0.89 -2.16 3.98
C2 A1IAU B . -0.38 -5.12 6.40
C3 A1IAU B . -0.65 -4.52 7.60
C4 A1IAU B . -1.02 -3.16 7.64
C5 A1IAU B . -1.32 -2.53 8.94
C6 A1IAU B . -0.71 -2.94 10.12
C7 A1IAU B . -1.03 -2.35 11.34
C8 A1IAU B . -2.01 -1.38 11.40
C9 A1IAU B . -2.66 -1.00 10.23
N1 A1IAU B . -0.17 -5.05 4.04
O1 A1IAU B . -0.04 -6.43 6.40
O2 A1IAU B . -3.65 -0.05 10.27
O3 A1IAU B . -1.01 -0.93 4.13
O4 A1IAU B . -0.84 -2.71 2.87
H9 A1IAU B . -2.81 -1.33 8.24
H10 A1IAU B . -1.28 -1.52 6.49
H4 A1IAU B . -0.59 -5.01 8.40
H5 A1IAU B . -0.05 -3.61 10.09
H6 A1IAU B . -0.59 -2.61 12.12
H7 A1IAU B . -2.24 -0.98 12.22
H1 A1IAU B . 0.05 -5.90 4.07
H2 A1IAU B . -0.21 -4.62 3.28
H3 A1IAU B . -0.75 -6.91 6.44
H8 A1IAU B . -3.38 0.63 10.71
#